data_3KG8
#
_entry.id   3KG8
#
_cell.length_a   47.416
_cell.length_b   70.345
_cell.length_c   174.812
_cell.angle_alpha   90.00
_cell.angle_beta   90.00
_cell.angle_gamma   90.00
#
_symmetry.space_group_name_H-M   'P 21 21 21'
#
loop_
_entity.id
_entity.type
_entity.pdbx_description
1 polymer CurJ
2 water water
#
_entity_poly.entity_id   1
_entity_poly.type   'polypeptide(L)'
_entity_poly.pdbx_seq_one_letter_code
;SNASTTKLHPLINQKFQSPLSKEIFFESYFSTENLPFLADHIVYEQVVVPGASHISLLLAAASLTFAATECQIEDILFPQ
ALAIPEQGVRTVQVVLTPQNNSFSFQVISFDDSLESQINQVSNNGSHISDWAVHATGKLSVANAEQSLIPLEEIQARCSQ
KIDSAEIYQHLWDRQIHLGQSFRWIEQVWLGEGEVLCQMKVPKTILNTTKYQLHPTLVDSCFQSIIALVLDQSGNKNETF
VPFSIDKFTFYNSSDNDLLWCYTCGSKDKQSGEKFKADIQLFDQHGQLVAQVIGFEGRKANPKILLMT
;
_entity_poly.pdbx_strand_id   A,B
#
# COMPACT_ATOMS: atom_id res chain seq x y z
N THR A 6 7.41 5.39 -10.31
CA THR A 6 6.48 5.00 -9.20
C THR A 6 7.17 4.05 -8.20
N LYS A 7 8.50 3.94 -8.33
CA LYS A 7 9.31 3.16 -7.40
C LYS A 7 9.94 4.09 -6.36
N LEU A 8 9.57 3.91 -5.10
CA LEU A 8 10.10 4.71 -4.00
C LEU A 8 11.59 4.46 -3.77
N HIS A 9 12.05 3.30 -4.19
CA HIS A 9 13.39 2.80 -3.89
C HIS A 9 13.59 1.59 -4.77
N PRO A 10 14.79 1.40 -5.34
CA PRO A 10 14.94 0.24 -6.23
C PRO A 10 14.55 -1.09 -5.57
N LEU A 11 14.50 -1.13 -4.24
CA LEU A 11 14.04 -2.32 -3.52
C LEU A 11 12.60 -2.24 -3.03
N ILE A 12 11.95 -1.08 -3.14
CA ILE A 12 10.61 -0.91 -2.57
C ILE A 12 9.64 -0.27 -3.54
N ASN A 13 8.54 -0.97 -3.81
CA ASN A 13 7.48 -0.45 -4.67
C ASN A 13 6.58 0.56 -3.95
N GLN A 14 5.95 0.15 -2.86
CA GLN A 14 5.10 1.07 -2.11
C GLN A 14 5.29 1.03 -0.62
N LYS A 15 4.85 2.12 0.02
CA LYS A 15 4.77 2.28 1.46
C LYS A 15 3.29 2.40 1.82
N PHE A 16 2.87 1.74 2.87
CA PHE A 16 1.51 1.98 3.34
C PHE A 16 1.43 2.30 4.82
N GLN A 17 0.71 3.36 5.14
CA GLN A 17 0.38 3.65 6.53
C GLN A 17 -0.95 4.35 6.66
N SER A 18 -1.54 4.24 7.83
CA SER A 18 -2.87 4.74 8.10
C SER A 18 -2.98 5.09 9.56
N PRO A 19 -3.66 6.21 9.88
CA PRO A 19 -4.10 6.56 11.23
C PRO A 19 -4.79 5.40 11.95
N LEU A 20 -5.32 4.45 11.18
CA LEU A 20 -6.06 3.31 11.70
C LEU A 20 -5.22 2.03 11.73
N SER A 21 -3.93 2.16 11.48
CA SER A 21 -3.01 1.04 11.57
C SER A 21 -1.84 1.40 12.46
N LYS A 22 -1.49 0.51 13.39
CA LYS A 22 -0.36 0.77 14.27
C LYS A 22 0.95 0.68 13.48
N GLU A 23 1.04 -0.33 12.61
CA GLU A 23 2.28 -0.60 11.89
C GLU A 23 2.40 0.04 10.53
N ILE A 24 3.65 0.14 10.09
CA ILE A 24 3.96 0.75 8.82
C ILE A 24 4.43 -0.35 7.92
N PHE A 25 3.90 -0.39 6.70
CA PHE A 25 4.24 -1.41 5.72
C PHE A 25 5.00 -0.86 4.51
N PHE A 26 5.94 -1.66 4.02
CA PHE A 26 6.54 -1.46 2.73
C PHE A 26 6.31 -2.72 1.91
N GLU A 27 6.06 -2.56 0.62
CA GLU A 27 5.81 -3.68 -0.27
C GLU A 27 6.75 -3.63 -1.45
N SER A 28 7.08 -4.82 -1.91
CA SER A 28 8.16 -4.99 -2.87
C SER A 28 7.90 -6.35 -3.53
N TYR A 29 8.11 -6.42 -4.85
CA TYR A 29 7.91 -7.66 -5.60
C TYR A 29 9.25 -8.26 -6.05
N PHE A 30 9.59 -9.41 -5.50
CA PHE A 30 10.91 -10.00 -5.73
C PHE A 30 10.87 -11.03 -6.85
N SER A 31 11.68 -10.80 -7.87
CA SER A 31 11.77 -11.68 -9.00
C SER A 31 13.09 -11.38 -9.70
N THR A 32 13.60 -12.33 -10.47
CA THR A 32 14.82 -12.06 -11.25
C THR A 32 14.54 -11.00 -12.29
N GLU A 33 13.31 -10.96 -12.81
CA GLU A 33 12.94 -9.93 -13.78
C GLU A 33 13.04 -8.51 -13.19
N ASN A 34 12.56 -8.32 -11.96
CA ASN A 34 12.56 -7.02 -11.28
C ASN A 34 13.91 -6.69 -10.65
N LEU A 35 14.60 -7.72 -10.19
CA LEU A 35 15.86 -7.58 -9.47
C LEU A 35 16.88 -8.54 -10.04
N PRO A 36 17.44 -8.20 -11.22
CA PRO A 36 18.31 -9.11 -11.97
C PRO A 36 19.47 -9.73 -11.20
N PHE A 37 20.03 -9.02 -10.23
CA PHE A 37 21.16 -9.55 -9.47
C PHE A 37 20.78 -10.83 -8.71
N LEU A 38 19.51 -10.99 -8.37
CA LEU A 38 19.07 -12.20 -7.65
C LEU A 38 19.50 -13.48 -8.39
N ALA A 39 19.60 -13.37 -9.71
CA ALA A 39 19.98 -14.51 -10.55
C ALA A 39 21.44 -14.93 -10.36
N ASP A 40 22.19 -14.11 -9.63
CA ASP A 40 23.60 -14.36 -9.37
C ASP A 40 23.85 -14.92 -7.99
N HIS A 41 22.78 -15.23 -7.27
CA HIS A 41 22.93 -15.93 -5.99
C HIS A 41 22.13 -17.23 -6.02
N ILE A 42 22.76 -18.30 -6.49
CA ILE A 42 22.12 -19.58 -6.74
C ILE A 42 22.61 -20.61 -5.71
N VAL A 43 21.67 -21.20 -4.97
CA VAL A 43 21.99 -22.21 -3.94
C VAL A 43 21.25 -23.49 -4.32
N TYR A 44 22.02 -24.55 -4.58
CA TYR A 44 21.46 -25.82 -5.08
C TYR A 44 20.49 -25.60 -6.24
N GLU A 45 20.94 -24.79 -7.20
CA GLU A 45 20.25 -24.57 -8.47
C GLU A 45 18.98 -23.73 -8.34
N GLN A 46 18.84 -23.03 -7.22
CA GLN A 46 17.68 -22.20 -6.97
C GLN A 46 18.10 -20.79 -6.63
N VAL A 47 17.29 -19.83 -7.07
CA VAL A 47 17.45 -18.44 -6.69
C VAL A 47 17.03 -18.34 -5.25
N VAL A 48 18.00 -18.05 -4.38
CA VAL A 48 17.74 -17.89 -2.96
C VAL A 48 18.23 -16.52 -2.55
N VAL A 49 17.33 -15.71 -2.01
CA VAL A 49 17.66 -14.37 -1.54
C VAL A 49 18.46 -14.46 -0.24
N PRO A 50 19.69 -13.92 -0.24
CA PRO A 50 20.48 -14.04 0.99
C PRO A 50 19.93 -13.12 2.05
N GLY A 51 20.16 -13.47 3.31
CA GLY A 51 19.81 -12.59 4.43
C GLY A 51 20.33 -11.18 4.27
N ALA A 52 21.42 -11.05 3.53
CA ALA A 52 22.08 -9.76 3.27
C ALA A 52 21.16 -8.80 2.54
N SER A 53 20.32 -9.33 1.67
CA SER A 53 19.35 -8.53 0.93
C SER A 53 18.29 -7.93 1.87
N HIS A 54 17.87 -8.70 2.88
CA HIS A 54 16.88 -8.17 3.82
C HIS A 54 17.45 -7.03 4.66
N ILE A 55 18.75 -7.11 5.00
CA ILE A 55 19.43 -5.99 5.67
C ILE A 55 19.28 -4.76 4.79
N SER A 56 19.57 -4.92 3.51
CA SER A 56 19.54 -3.83 2.54
C SER A 56 18.14 -3.23 2.41
N LEU A 57 17.13 -4.10 2.53
CA LEU A 57 15.74 -3.72 2.44
C LEU A 57 15.27 -2.99 3.71
N LEU A 58 15.83 -3.35 4.86
CA LEU A 58 15.50 -2.64 6.10
C LEU A 58 16.12 -1.25 6.12
N LEU A 59 17.29 -1.11 5.49
CA LEU A 59 17.87 0.21 5.31
C LEU A 59 17.05 1.06 4.33
N ALA A 60 16.42 0.40 3.36
CA ALA A 60 15.60 1.10 2.39
C ALA A 60 14.35 1.65 3.08
N ALA A 61 13.68 0.78 3.83
CA ALA A 61 12.57 1.15 4.72
C ALA A 61 12.94 2.31 5.64
N ALA A 62 14.09 2.20 6.30
CA ALA A 62 14.55 3.21 7.27
C ALA A 62 14.71 4.58 6.62
N SER A 63 15.26 4.62 5.41
CA SER A 63 15.51 5.90 4.75
C SER A 63 14.20 6.60 4.38
N LEU A 64 13.12 5.83 4.27
CA LEU A 64 11.79 6.39 4.03
C LEU A 64 11.03 6.73 5.33
N THR A 65 11.49 6.22 6.48
CA THR A 65 10.83 6.48 7.76
C THR A 65 11.53 7.58 8.56
N PHE A 66 12.86 7.49 8.69
CA PHE A 66 13.64 8.46 9.47
C PHE A 66 14.18 9.58 8.61
N ALA A 67 14.32 10.76 9.22
CA ALA A 67 15.03 11.88 8.62
C ALA A 67 16.53 11.62 8.66
N ALA A 68 16.99 11.13 9.82
CA ALA A 68 18.42 10.87 10.05
C ALA A 68 18.93 9.78 9.12
N THR A 69 20.14 9.95 8.60
CA THR A 69 20.65 8.99 7.64
C THR A 69 21.22 7.71 8.28
N GLU A 70 21.88 7.82 9.43
CA GLU A 70 22.44 6.64 10.09
C GLU A 70 21.42 5.87 10.90
N CYS A 71 21.48 4.54 10.82
CA CYS A 71 20.59 3.74 11.62
C CYS A 71 21.15 2.38 12.00
N GLN A 72 20.62 1.82 13.08
CA GLN A 72 21.03 0.51 13.52
C GLN A 72 19.89 -0.49 13.44
N ILE A 73 20.26 -1.74 13.12
CA ILE A 73 19.36 -2.88 13.11
C ILE A 73 19.93 -3.89 14.11
N GLU A 74 19.12 -4.30 15.08
CA GLU A 74 19.63 -5.06 16.22
C GLU A 74 18.92 -6.39 16.41
N ASP A 75 19.64 -7.35 16.99
CA ASP A 75 19.08 -8.65 17.33
C ASP A 75 18.35 -9.29 16.14
N ILE A 76 18.99 -9.25 14.99
CA ILE A 76 18.47 -9.79 13.74
C ILE A 76 18.50 -11.33 13.72
N LEU A 77 17.40 -11.93 13.30
CA LEU A 77 17.38 -13.36 13.06
C LEU A 77 16.84 -13.59 11.65
N PHE A 78 17.13 -14.77 11.10
CA PHE A 78 16.72 -15.12 9.75
C PHE A 78 15.94 -16.42 9.84
N PRO A 79 14.66 -16.34 10.19
CA PRO A 79 13.96 -17.58 10.50
C PRO A 79 13.80 -18.55 9.33
N GLN A 80 13.71 -18.03 8.12
CA GLN A 80 13.38 -18.85 6.97
C GLN A 80 13.93 -18.19 5.73
N ALA A 81 14.59 -18.98 4.87
CA ALA A 81 15.16 -18.44 3.63
C ALA A 81 14.06 -18.24 2.59
N LEU A 82 14.25 -17.23 1.76
CA LEU A 82 13.33 -16.89 0.70
C LEU A 82 13.87 -17.46 -0.62
N ALA A 83 13.13 -18.37 -1.22
CA ALA A 83 13.54 -19.00 -2.44
C ALA A 83 12.54 -18.60 -3.47
N ILE A 84 13.03 -18.13 -4.61
CA ILE A 84 12.13 -17.74 -5.68
C ILE A 84 12.19 -18.74 -6.82
N PRO A 85 11.07 -19.42 -7.10
CA PRO A 85 10.95 -20.34 -8.24
C PRO A 85 11.25 -19.67 -9.59
N GLU A 86 11.76 -20.45 -10.55
CA GLU A 86 12.07 -19.96 -11.90
C GLU A 86 11.00 -19.04 -12.46
N GLN A 87 11.41 -17.84 -12.87
CA GLN A 87 10.52 -16.87 -13.55
C GLN A 87 9.27 -16.51 -12.74
N GLY A 88 9.32 -16.82 -11.45
CA GLY A 88 8.24 -16.55 -10.54
C GLY A 88 8.54 -15.31 -9.73
N VAL A 89 7.60 -14.94 -8.87
CA VAL A 89 7.67 -13.72 -8.12
C VAL A 89 6.98 -13.94 -6.78
N ARG A 90 7.55 -13.35 -5.73
CA ARG A 90 6.92 -13.33 -4.42
C ARG A 90 6.81 -11.88 -3.95
N THR A 91 5.72 -11.57 -3.28
CA THR A 91 5.54 -10.30 -2.63
C THR A 91 6.29 -10.33 -1.30
N VAL A 92 7.09 -9.29 -1.06
CA VAL A 92 7.84 -9.15 0.19
C VAL A 92 7.42 -7.87 0.90
N GLN A 93 7.04 -7.99 2.16
CA GLN A 93 6.69 -6.81 2.95
C GLN A 93 7.61 -6.64 4.15
N VAL A 94 7.99 -5.39 4.40
CA VAL A 94 8.57 -5.01 5.68
C VAL A 94 7.43 -4.47 6.53
N VAL A 95 7.29 -5.04 7.71
CA VAL A 95 6.24 -4.65 8.62
C VAL A 95 6.91 -4.06 9.85
N LEU A 96 6.73 -2.76 10.06
CA LEU A 96 7.33 -2.08 11.20
C LEU A 96 6.30 -1.83 12.28
N THR A 97 6.60 -2.29 13.49
CA THR A 97 5.76 -2.05 14.65
C THR A 97 6.44 -1.06 15.62
N PRO A 98 5.75 0.05 15.97
CA PRO A 98 6.40 1.04 16.83
C PRO A 98 6.70 0.47 18.22
N GLN A 99 7.89 0.76 18.72
CA GLN A 99 8.26 0.46 20.09
C GLN A 99 8.75 1.77 20.68
N ASN A 100 9.46 1.70 21.79
CA ASN A 100 10.07 2.90 22.32
C ASN A 100 11.29 3.35 21.49
N ASN A 101 11.19 4.52 20.85
CA ASN A 101 12.28 5.08 20.02
C ASN A 101 12.89 4.07 19.03
N SER A 102 12.02 3.32 18.35
CA SER A 102 12.46 2.19 17.55
C SER A 102 11.25 1.45 16.99
N PHE A 103 11.49 0.57 16.03
CA PHE A 103 10.47 -0.30 15.49
C PHE A 103 10.98 -1.72 15.62
N SER A 104 10.10 -2.65 15.99
CA SER A 104 10.43 -4.05 15.78
C SER A 104 9.99 -4.27 14.34
N PHE A 105 10.66 -5.18 13.66
CA PHE A 105 10.31 -5.42 12.27
C PHE A 105 10.19 -6.89 12.00
N GLN A 106 9.46 -7.17 10.93
CA GLN A 106 9.38 -8.48 10.33
C GLN A 106 9.47 -8.26 8.82
N VAL A 107 10.37 -8.99 8.17
CA VAL A 107 10.36 -9.07 6.71
C VAL A 107 9.68 -10.35 6.34
N ILE A 108 8.58 -10.26 5.61
CA ILE A 108 7.81 -11.45 5.29
C ILE A 108 7.64 -11.57 3.78
N SER A 109 7.22 -12.75 3.33
CA SER A 109 6.88 -12.94 1.92
C SER A 109 5.71 -13.90 1.76
N PHE A 110 5.08 -13.80 0.58
CA PHE A 110 4.02 -14.71 0.16
C PHE A 110 3.82 -14.66 -1.36
N ASP A 111 3.37 -15.79 -1.92
CA ASP A 111 3.05 -15.91 -3.33
C ASP A 111 1.72 -15.22 -3.60
N ASP A 112 1.79 -14.15 -4.39
CA ASP A 112 0.66 -13.27 -4.66
C ASP A 112 -0.27 -13.80 -5.77
N SER A 113 0.28 -14.62 -6.66
CA SER A 113 -0.46 -15.23 -7.77
C SER A 113 -1.22 -16.48 -7.31
N LEU A 114 -2.55 -16.41 -7.29
CA LEU A 114 -3.37 -17.58 -6.92
C LEU A 114 -4.02 -18.21 -8.14
N HIS A 127 -8.31 -13.78 1.70
CA HIS A 127 -7.19 -13.02 2.23
C HIS A 127 -5.86 -13.82 2.14
N ILE A 128 -4.95 -13.64 3.10
CA ILE A 128 -3.62 -14.28 3.03
C ILE A 128 -3.37 -15.29 4.14
N SER A 129 -3.35 -16.57 3.77
CA SER A 129 -3.24 -17.66 4.75
C SER A 129 -1.83 -18.26 4.88
N ASP A 130 -1.06 -18.25 3.78
CA ASP A 130 0.30 -18.81 3.80
C ASP A 130 1.37 -17.77 3.52
N TRP A 131 2.35 -17.72 4.41
CA TRP A 131 3.37 -16.70 4.35
C TRP A 131 4.55 -17.15 5.20
N ALA A 132 5.70 -16.55 4.96
CA ALA A 132 6.91 -16.93 5.67
C ALA A 132 7.56 -15.65 6.17
N VAL A 133 8.32 -15.77 7.26
CA VAL A 133 9.08 -14.66 7.85
C VAL A 133 10.55 -14.89 7.59
N HIS A 134 11.24 -13.88 7.05
CA HIS A 134 12.61 -14.04 6.59
C HIS A 134 13.65 -13.33 7.46
N ALA A 135 13.22 -12.32 8.21
CA ALA A 135 14.12 -11.58 9.08
C ALA A 135 13.28 -10.93 10.16
N THR A 136 13.81 -10.88 11.38
CA THR A 136 13.18 -10.16 12.51
C THR A 136 14.23 -9.42 13.29
N GLY A 137 13.81 -8.40 14.00
CA GLY A 137 14.70 -7.64 14.86
C GLY A 137 14.12 -6.28 15.16
N LYS A 138 15.01 -5.34 15.50
CA LYS A 138 14.65 -4.02 15.96
C LYS A 138 15.43 -3.04 15.09
N LEU A 139 14.80 -1.91 14.80
CA LEU A 139 15.33 -0.90 13.90
C LEU A 139 15.23 0.45 14.60
N SER A 140 16.31 1.20 14.57
CA SER A 140 16.35 2.53 15.17
C SER A 140 17.48 3.43 14.65
N VAL A 141 17.44 4.70 15.05
CA VAL A 141 18.44 5.69 14.67
C VAL A 141 19.73 5.45 15.43
N ALA A 142 20.85 5.50 14.72
CA ALA A 142 22.16 5.40 15.34
C ALA A 142 22.80 6.80 15.45
N ASN A 143 23.85 6.91 16.26
CA ASN A 143 24.74 8.07 16.26
C ASN A 143 25.83 7.91 15.20
N ALA A 144 26.41 9.03 14.78
CA ALA A 144 27.58 9.00 13.90
C ALA A 144 28.81 8.59 14.70
N GLU A 145 29.77 7.92 14.05
CA GLU A 145 31.01 7.49 14.71
C GLU A 145 32.26 7.64 13.87
N GLN A 146 33.01 8.70 14.14
CA GLN A 146 34.30 8.97 13.49
C GLN A 146 35.38 8.01 13.98
N PRO A 150 41.23 2.47 12.45
CA PRO A 150 42.17 3.10 11.54
C PRO A 150 42.59 2.13 10.45
N LEU A 151 42.54 2.59 9.19
CA LEU A 151 42.77 1.70 8.05
C LEU A 151 44.22 1.38 7.79
N GLU A 152 45.08 2.37 7.89
CA GLU A 152 46.52 2.20 7.69
C GLU A 152 47.11 1.13 8.62
N GLU A 153 46.64 1.09 9.87
CA GLU A 153 47.07 0.08 10.84
C GLU A 153 46.60 -1.32 10.47
N ILE A 154 45.36 -1.45 10.02
CA ILE A 154 44.82 -2.74 9.59
C ILE A 154 45.65 -3.28 8.43
N GLN A 155 45.91 -2.42 7.44
CA GLN A 155 46.68 -2.81 6.26
C GLN A 155 48.06 -3.33 6.60
N ALA A 156 48.63 -2.83 7.69
CA ALA A 156 49.90 -3.33 8.23
C ALA A 156 49.78 -4.72 8.85
N ARG A 157 48.75 -4.92 9.68
CA ARG A 157 48.50 -6.22 10.33
C ARG A 157 48.19 -7.34 9.34
N CYS A 158 47.40 -7.02 8.32
CA CYS A 158 46.99 -7.97 7.29
C CYS A 158 47.95 -7.92 6.11
N SER A 159 48.84 -8.90 6.04
CA SER A 159 49.89 -8.90 5.04
C SER A 159 49.91 -10.12 4.11
N GLN A 160 49.31 -11.23 4.55
CA GLN A 160 49.30 -12.45 3.74
C GLN A 160 48.23 -12.41 2.63
N LYS A 161 48.67 -12.07 1.43
CA LYS A 161 47.80 -12.01 0.28
C LYS A 161 47.28 -13.41 -0.11
N ILE A 162 45.98 -13.55 -0.32
CA ILE A 162 45.45 -14.77 -0.91
C ILE A 162 44.55 -14.45 -2.10
N ASP A 163 44.36 -15.43 -2.98
CA ASP A 163 43.50 -15.28 -4.13
C ASP A 163 42.04 -15.27 -3.68
N SER A 164 41.31 -14.25 -4.10
CA SER A 164 39.89 -14.15 -3.83
C SER A 164 39.17 -15.37 -4.39
N ALA A 165 39.74 -15.94 -5.45
CA ALA A 165 39.16 -17.13 -6.07
C ALA A 165 38.93 -18.23 -5.03
N GLU A 166 39.78 -18.29 -4.01
CA GLU A 166 39.62 -19.27 -2.92
C GLU A 166 38.31 -19.14 -2.15
N ILE A 167 37.85 -17.90 -1.92
CA ILE A 167 36.56 -17.67 -1.24
C ILE A 167 35.42 -18.16 -2.12
N TYR A 168 35.44 -17.76 -3.39
CA TYR A 168 34.36 -18.11 -4.29
C TYR A 168 34.36 -19.62 -4.61
N GLN A 169 35.56 -20.21 -4.69
CA GLN A 169 35.70 -21.66 -4.86
C GLN A 169 35.14 -22.42 -3.67
N HIS A 170 35.50 -21.96 -2.47
CA HIS A 170 35.01 -22.61 -1.27
C HIS A 170 33.48 -22.70 -1.31
N LEU A 171 32.84 -21.59 -1.68
CA LEU A 171 31.38 -21.49 -1.78
C LEU A 171 30.82 -22.32 -2.94
N TRP A 172 31.46 -22.19 -4.10
CA TRP A 172 31.06 -22.95 -5.29
C TRP A 172 30.98 -24.44 -4.99
N ASP A 173 32.00 -24.95 -4.31
CA ASP A 173 32.08 -26.36 -3.96
C ASP A 173 30.95 -26.84 -3.04
N ARG A 174 30.36 -25.92 -2.29
CA ARG A 174 29.17 -26.19 -1.46
C ARG A 174 27.85 -25.92 -2.15
N GLN A 175 27.90 -25.63 -3.45
CA GLN A 175 26.71 -25.42 -4.30
C GLN A 175 26.10 -24.04 -4.08
N ILE A 176 26.90 -23.10 -3.60
CA ILE A 176 26.52 -21.67 -3.58
C ILE A 176 27.24 -20.99 -4.73
N HIS A 177 26.53 -20.91 -5.87
CA HIS A 177 27.09 -20.41 -7.12
C HIS A 177 26.86 -18.91 -7.23
N LEU A 178 27.90 -18.15 -6.89
CA LEU A 178 27.84 -16.71 -6.97
C LEU A 178 28.20 -16.24 -8.36
N GLY A 179 27.25 -15.52 -8.98
CA GLY A 179 27.48 -14.91 -10.28
C GLY A 179 28.26 -13.61 -10.11
N GLN A 180 28.46 -12.92 -11.22
CA GLN A 180 29.29 -11.75 -11.27
C GLN A 180 28.92 -10.69 -10.25
N SER A 181 27.63 -10.41 -10.13
CA SER A 181 27.20 -9.26 -9.33
C SER A 181 27.36 -9.48 -7.82
N PHE A 182 27.55 -10.73 -7.39
CA PHE A 182 27.86 -11.00 -5.99
C PHE A 182 29.35 -11.08 -5.67
N ARG A 183 30.21 -10.69 -6.61
CA ARG A 183 31.66 -10.81 -6.43
C ARG A 183 32.32 -9.46 -6.37
N TRP A 184 32.17 -8.80 -5.23
CA TRP A 184 32.81 -7.52 -4.97
C TRP A 184 34.26 -7.70 -4.52
N ILE A 185 34.55 -8.75 -3.75
CA ILE A 185 35.90 -8.97 -3.20
C ILE A 185 36.93 -9.16 -4.32
N GLU A 186 37.90 -8.26 -4.40
CA GLU A 186 38.93 -8.32 -5.45
C GLU A 186 40.25 -8.84 -4.93
N GLN A 187 40.56 -8.50 -3.69
CA GLN A 187 41.85 -8.86 -3.07
C GLN A 187 41.66 -9.15 -1.61
N VAL A 188 42.45 -10.07 -1.08
CA VAL A 188 42.29 -10.53 0.30
C VAL A 188 43.66 -10.62 0.94
N TRP A 189 43.77 -10.08 2.15
CA TRP A 189 44.97 -10.18 2.98
C TRP A 189 44.59 -10.77 4.33
N LEU A 190 45.18 -11.91 4.66
CA LEU A 190 45.00 -12.50 5.97
C LEU A 190 45.96 -11.92 6.99
N GLY A 191 45.47 -11.76 8.22
CA GLY A 191 46.33 -11.57 9.39
C GLY A 191 46.15 -12.74 10.33
N GLU A 192 46.15 -12.48 11.63
CA GLU A 192 45.87 -13.47 12.67
C GLU A 192 44.39 -13.38 13.05
N GLY A 193 43.60 -14.38 12.71
CA GLY A 193 42.17 -14.36 13.00
C GLY A 193 41.47 -13.09 12.52
N GLU A 194 42.01 -12.48 11.48
CA GLU A 194 41.43 -11.26 10.92
C GLU A 194 41.72 -11.23 9.42
N VAL A 195 40.88 -10.54 8.67
CA VAL A 195 41.05 -10.46 7.22
C VAL A 195 40.70 -9.08 6.68
N LEU A 196 41.46 -8.61 5.70
CA LEU A 196 41.15 -7.37 5.00
C LEU A 196 40.81 -7.64 3.53
N CYS A 197 39.63 -7.19 3.12
CA CYS A 197 39.18 -7.37 1.75
C CYS A 197 39.05 -6.03 1.05
N GLN A 198 39.54 -5.99 -0.17
CA GLN A 198 39.31 -4.86 -1.02
C GLN A 198 38.09 -5.18 -1.89
N MET A 199 37.10 -4.31 -1.86
CA MET A 199 35.93 -4.53 -2.67
C MET A 199 35.81 -3.52 -3.79
N LYS A 200 35.13 -3.96 -4.85
CA LYS A 200 34.96 -3.14 -6.03
C LYS A 200 33.59 -3.43 -6.63
N VAL A 201 32.85 -2.37 -6.96
CA VAL A 201 31.56 -2.51 -7.61
C VAL A 201 31.70 -3.37 -8.88
N PRO A 202 30.98 -4.51 -8.93
CA PRO A 202 31.00 -5.34 -10.14
C PRO A 202 30.58 -4.52 -11.36
N LYS A 203 31.07 -4.88 -12.53
CA LYS A 203 30.73 -4.15 -13.74
C LYS A 203 29.24 -4.18 -14.09
N THR A 204 28.55 -5.26 -13.71
CA THR A 204 27.13 -5.47 -14.04
C THR A 204 26.14 -4.67 -13.20
N ILE A 205 26.62 -4.04 -12.13
CA ILE A 205 25.75 -3.24 -11.27
C ILE A 205 25.95 -1.74 -11.53
N LEU A 206 25.02 -1.13 -12.24
CA LEU A 206 25.12 0.28 -12.58
C LEU A 206 24.30 1.19 -11.64
N ASN A 207 23.72 0.60 -10.60
CA ASN A 207 22.65 1.25 -9.84
C ASN A 207 22.96 1.66 -8.38
N THR A 208 24.19 1.45 -7.92
CA THR A 208 24.50 1.59 -6.48
C THR A 208 24.17 2.94 -5.80
N THR A 209 24.04 4.00 -6.59
CA THR A 209 23.79 5.34 -6.04
C THR A 209 22.40 5.46 -5.39
N LYS A 210 21.47 4.62 -5.84
CA LYS A 210 20.10 4.60 -5.32
C LYS A 210 19.99 3.82 -3.99
N TYR A 211 21.02 3.06 -3.67
CA TYR A 211 21.01 2.20 -2.50
C TYR A 211 21.77 2.82 -1.34
N GLN A 212 21.32 2.48 -0.13
CA GLN A 212 22.10 2.73 1.08
C GLN A 212 23.30 1.83 1.02
N LEU A 213 23.04 0.52 1.02
CA LEU A 213 24.06 -0.48 0.77
C LEU A 213 23.42 -1.49 -0.15
N HIS A 214 24.02 -1.72 -1.32
CA HIS A 214 23.48 -2.69 -2.26
C HIS A 214 23.49 -4.07 -1.61
N PRO A 215 22.41 -4.85 -1.81
CA PRO A 215 22.33 -6.20 -1.23
C PRO A 215 23.59 -7.03 -1.47
N THR A 216 24.18 -6.91 -2.65
CA THR A 216 25.37 -7.68 -3.01
C THR A 216 26.61 -7.17 -2.30
N LEU A 217 26.58 -5.92 -1.86
CA LEU A 217 27.65 -5.38 -1.04
C LEU A 217 27.58 -5.95 0.35
N VAL A 218 26.38 -5.96 0.91
CA VAL A 218 26.18 -6.54 2.24
C VAL A 218 26.61 -8.01 2.23
N ASP A 219 26.21 -8.77 1.21
CA ASP A 219 26.56 -10.20 1.13
C ASP A 219 28.06 -10.42 1.05
N SER A 220 28.73 -9.56 0.30
CA SER A 220 30.18 -9.57 0.17
C SER A 220 30.87 -9.44 1.54
N CYS A 221 30.37 -8.54 2.38
CA CYS A 221 30.87 -8.43 3.76
C CYS A 221 30.78 -9.75 4.49
N PHE A 222 29.63 -10.43 4.38
CA PHE A 222 29.45 -11.71 5.05
C PHE A 222 30.37 -12.74 4.45
N GLN A 223 30.59 -12.65 3.14
CA GLN A 223 31.49 -13.58 2.43
C GLN A 223 32.89 -13.55 3.04
N SER A 224 33.30 -12.39 3.54
CA SER A 224 34.65 -12.22 4.04
C SER A 224 34.99 -13.19 5.15
N ILE A 225 34.00 -13.64 5.91
CA ILE A 225 34.25 -14.58 7.00
C ILE A 225 34.71 -15.94 6.45
N ILE A 226 34.34 -16.23 5.21
CA ILE A 226 34.81 -17.42 4.53
C ILE A 226 36.35 -17.49 4.53
N ALA A 227 36.99 -16.34 4.39
CA ALA A 227 38.47 -16.31 4.35
C ALA A 227 39.14 -16.75 5.66
N LEU A 228 38.39 -16.77 6.75
CA LEU A 228 38.95 -17.18 8.04
C LEU A 228 38.66 -18.64 8.33
N VAL A 229 38.05 -19.32 7.36
CA VAL A 229 37.64 -20.71 7.54
C VAL A 229 38.06 -21.62 6.38
N LEU A 230 38.94 -21.11 5.50
CA LEU A 230 39.31 -21.82 4.26
C LEU A 230 39.84 -23.25 4.40
N ASP A 231 40.66 -23.51 5.41
CA ASP A 231 41.21 -24.86 5.50
C ASP A 231 40.83 -25.58 6.79
N GLN A 232 39.51 -25.64 6.99
CA GLN A 232 38.92 -26.34 8.11
C GLN A 232 38.41 -27.70 7.68
N SER A 233 38.56 -28.68 8.57
CA SER A 233 38.11 -30.02 8.28
C SER A 233 36.60 -30.16 8.48
N GLY A 234 36.10 -31.36 8.26
CA GLY A 234 34.70 -31.65 8.50
C GLY A 234 33.94 -31.94 7.24
N ASN A 235 32.64 -31.67 7.30
CA ASN A 235 31.71 -31.98 6.25
C ASN A 235 31.95 -31.08 5.05
N LYS A 236 32.42 -31.69 3.96
CA LYS A 236 32.55 -31.01 2.67
C LYS A 236 31.28 -30.32 2.15
N ASN A 237 30.09 -30.77 2.57
CA ASN A 237 28.82 -30.13 2.18
C ASN A 237 28.47 -28.92 3.02
N GLU A 238 29.25 -28.71 4.08
CA GLU A 238 28.89 -27.71 5.06
C GLU A 238 29.73 -26.46 4.96
N THR A 239 29.07 -25.33 5.20
CA THR A 239 29.78 -24.08 5.38
C THR A 239 29.07 -23.28 6.46
N PHE A 240 29.66 -22.15 6.85
CA PHE A 240 29.03 -21.25 7.82
C PHE A 240 28.00 -20.36 7.16
N VAL A 241 26.76 -20.46 7.61
CA VAL A 241 25.66 -19.68 7.03
C VAL A 241 25.24 -18.60 8.05
N PRO A 242 24.93 -17.36 7.59
CA PRO A 242 24.56 -16.32 8.56
C PRO A 242 23.33 -16.72 9.37
N PHE A 243 23.39 -16.48 10.67
CA PHE A 243 22.35 -16.94 11.56
C PHE A 243 21.73 -15.82 12.41
N SER A 244 22.55 -14.89 12.89
CA SER A 244 22.09 -13.79 13.78
C SER A 244 23.12 -12.67 13.80
N ILE A 245 22.68 -11.47 14.14
CA ILE A 245 23.54 -10.29 14.15
C ILE A 245 23.10 -9.46 15.32
N ASP A 246 24.00 -9.16 16.24
CA ASP A 246 23.64 -8.33 17.40
C ASP A 246 23.36 -6.88 17.01
N LYS A 247 24.21 -6.30 16.18
CA LYS A 247 24.02 -4.95 15.71
C LYS A 247 24.64 -4.71 14.34
N PHE A 248 23.82 -4.23 13.41
CA PHE A 248 24.26 -3.78 12.11
C PHE A 248 23.99 -2.29 12.06
N THR A 249 25.06 -1.50 11.88
CA THR A 249 24.96 -0.05 11.86
C THR A 249 25.37 0.50 10.48
N PHE A 250 24.49 1.29 9.86
CA PHE A 250 24.76 1.99 8.61
C PHE A 250 24.94 3.48 8.90
N TYR A 251 26.09 4.03 8.50
CA TYR A 251 26.42 5.43 8.76
C TYR A 251 26.15 6.34 7.57
N ASN A 252 26.86 6.12 6.47
CA ASN A 252 26.69 6.92 5.27
C ASN A 252 26.96 6.08 4.02
N SER A 253 26.28 6.43 2.93
CA SER A 253 26.42 5.72 1.67
C SER A 253 27.71 6.16 1.01
N SER A 254 28.31 5.27 0.22
CA SER A 254 29.61 5.56 -0.40
C SER A 254 29.51 5.83 -1.91
N ASP A 255 30.07 6.97 -2.31
CA ASP A 255 30.15 7.37 -3.71
C ASP A 255 31.18 6.53 -4.49
N ASN A 256 31.98 5.75 -3.77
CA ASN A 256 33.17 5.14 -4.34
C ASN A 256 32.97 3.73 -4.89
N ASP A 257 33.78 3.40 -5.89
CA ASP A 257 33.81 2.08 -6.49
C ASP A 257 34.67 1.12 -5.68
N LEU A 258 35.52 1.68 -4.82
CA LEU A 258 36.43 0.89 -4.00
C LEU A 258 36.09 1.03 -2.51
N LEU A 259 36.04 -0.09 -1.80
CA LEU A 259 35.80 -0.08 -0.37
C LEU A 259 36.71 -1.09 0.32
N TRP A 260 36.82 -0.97 1.64
CA TRP A 260 37.59 -1.91 2.44
C TRP A 260 36.69 -2.56 3.47
N CYS A 261 36.83 -3.88 3.58
CA CYS A 261 36.11 -4.61 4.59
C CYS A 261 37.10 -5.29 5.52
N TYR A 262 37.03 -4.95 6.80
CA TYR A 262 37.85 -5.58 7.81
C TYR A 262 36.97 -6.47 8.67
N THR A 263 37.40 -7.70 8.89
CA THR A 263 36.60 -8.67 9.58
C THR A 263 37.51 -9.40 10.53
N CYS A 264 37.11 -9.53 11.78
CA CYS A 264 37.84 -10.43 12.65
C CYS A 264 36.92 -11.17 13.56
N GLY A 265 37.26 -12.44 13.75
CA GLY A 265 36.53 -13.28 14.67
C GLY A 265 37.06 -14.68 14.57
N SER A 266 36.32 -15.63 15.14
CA SER A 266 36.75 -17.02 15.16
C SER A 266 35.63 -17.95 15.60
N LYS A 267 35.89 -19.25 15.44
CA LYS A 267 34.99 -20.31 15.89
C LYS A 267 34.78 -20.20 17.39
N ASP A 268 33.58 -20.53 17.82
CA ASP A 268 33.21 -20.44 19.22
C ASP A 268 33.99 -21.47 20.05
N LYS A 269 34.66 -20.99 21.10
CA LYS A 269 35.51 -21.83 21.94
C LYS A 269 34.83 -23.10 22.43
N GLN A 270 33.54 -22.99 22.76
CA GLN A 270 32.77 -24.15 23.20
C GLN A 270 32.44 -25.11 22.05
N SER A 271 31.71 -24.63 21.04
CA SER A 271 31.36 -25.47 19.88
C SER A 271 31.81 -24.88 18.56
N GLY A 272 32.57 -25.67 17.79
CA GLY A 272 33.06 -25.26 16.48
C GLY A 272 31.98 -25.17 15.40
N GLU A 273 30.70 -25.23 15.79
CA GLU A 273 29.63 -25.04 14.82
C GLU A 273 29.22 -23.57 14.63
N LYS A 274 29.66 -22.69 15.53
CA LYS A 274 29.38 -21.28 15.41
C LYS A 274 30.64 -20.51 15.09
N PHE A 275 30.52 -19.49 14.25
CA PHE A 275 31.59 -18.55 14.00
C PHE A 275 31.12 -17.15 14.35
N LYS A 276 31.83 -16.48 15.25
CA LYS A 276 31.48 -15.13 15.66
C LYS A 276 32.49 -14.12 15.11
N ALA A 277 32.01 -12.94 14.73
CA ALA A 277 32.82 -11.96 14.02
C ALA A 277 32.30 -10.56 14.20
N ASP A 278 33.22 -9.61 14.20
CA ASP A 278 32.86 -8.22 14.03
C ASP A 278 33.39 -7.82 12.66
N ILE A 279 32.62 -7.00 11.95
CA ILE A 279 33.01 -6.53 10.63
C ILE A 279 32.91 -5.03 10.55
N GLN A 280 33.85 -4.42 9.86
CA GLN A 280 33.85 -2.99 9.63
C GLN A 280 34.05 -2.70 8.16
N LEU A 281 33.19 -1.86 7.59
CA LEU A 281 33.27 -1.53 6.17
C LEU A 281 33.65 -0.04 5.99
N PHE A 282 34.77 0.20 5.31
CA PHE A 282 35.40 1.53 5.23
C PHE A 282 35.41 2.06 3.81
N ASP A 283 35.33 3.38 3.75
CA ASP A 283 35.64 4.22 2.61
C ASP A 283 37.13 4.08 2.28
N GLN A 284 37.51 4.51 1.08
CA GLN A 284 38.93 4.55 0.73
C GLN A 284 39.71 5.58 1.56
N HIS A 285 38.99 6.49 2.21
CA HIS A 285 39.56 7.51 3.10
C HIS A 285 39.53 7.09 4.57
N GLY A 286 39.00 5.90 4.84
CA GLY A 286 38.91 5.41 6.22
C GLY A 286 37.67 5.89 6.94
N GLN A 287 36.76 6.55 6.25
CA GLN A 287 35.46 6.87 6.81
C GLN A 287 34.67 5.58 6.95
N LEU A 288 34.09 5.38 8.13
CA LEU A 288 33.29 4.20 8.39
C LEU A 288 31.96 4.26 7.62
N VAL A 289 31.74 3.30 6.73
CA VAL A 289 30.49 3.20 5.98
C VAL A 289 29.43 2.36 6.72
N ALA A 290 29.86 1.26 7.32
CA ALA A 290 28.97 0.34 7.99
C ALA A 290 29.72 -0.53 8.98
N GLN A 291 29.02 -1.06 9.98
CA GLN A 291 29.64 -1.85 11.03
C GLN A 291 28.70 -2.91 11.55
N VAL A 292 29.24 -4.12 11.73
CA VAL A 292 28.48 -5.27 12.14
C VAL A 292 29.16 -5.80 13.39
N ILE A 293 28.45 -5.73 14.49
CA ILE A 293 28.90 -6.28 15.77
C ILE A 293 28.20 -7.61 16.01
N GLY A 294 28.96 -8.64 16.38
CA GLY A 294 28.38 -9.91 16.81
C GLY A 294 27.63 -10.61 15.68
N PHE A 295 28.33 -10.80 14.56
CA PHE A 295 27.80 -11.59 13.47
C PHE A 295 28.04 -13.04 13.85
N GLU A 296 26.99 -13.86 13.80
CA GLU A 296 27.14 -15.28 14.04
C GLU A 296 26.73 -16.10 12.84
N GLY A 297 27.66 -16.91 12.34
CA GLY A 297 27.40 -17.94 11.35
C GLY A 297 27.31 -19.31 12.00
N ARG A 298 26.48 -20.18 11.41
CA ARG A 298 26.38 -21.58 11.84
C ARG A 298 26.65 -22.58 10.73
N LYS A 299 27.33 -23.67 11.07
CA LYS A 299 27.69 -24.72 10.13
C LYS A 299 26.44 -25.43 9.65
N ALA A 300 26.21 -25.35 8.35
CA ALA A 300 25.06 -26.00 7.76
C ALA A 300 25.33 -26.35 6.32
N ASN A 301 24.64 -27.39 5.86
CA ASN A 301 24.57 -27.71 4.47
C ASN A 301 23.51 -26.75 3.88
N PRO A 302 23.93 -25.88 2.94
CA PRO A 302 23.00 -24.91 2.34
C PRO A 302 21.71 -25.50 1.78
N LYS A 303 21.66 -26.81 1.51
CA LYS A 303 20.43 -27.49 1.10
C LYS A 303 19.35 -27.28 2.16
N ILE A 304 19.76 -27.20 3.43
CA ILE A 304 18.81 -27.19 4.53
C ILE A 304 17.91 -25.97 4.51
N LEU A 305 18.45 -24.84 4.05
CA LEU A 305 17.65 -23.63 3.96
C LEU A 305 16.62 -23.67 2.82
N LEU A 306 16.65 -24.70 1.97
CA LEU A 306 15.73 -24.77 0.84
C LEU A 306 14.26 -25.06 1.17
N MET A 307 14.01 -26.10 1.95
CA MET A 307 12.64 -26.42 2.41
C MET A 307 12.61 -27.11 3.78
N LYS B 7 -3.30 2.62 -11.12
CA LYS B 7 -4.76 2.84 -10.90
C LYS B 7 -5.55 1.56 -11.21
N LEU B 8 -5.97 0.89 -10.13
CA LEU B 8 -6.79 -0.31 -10.24
C LEU B 8 -8.20 0.03 -10.70
N HIS B 9 -8.62 1.25 -10.38
CA HIS B 9 -9.97 1.74 -10.62
C HIS B 9 -9.82 3.26 -10.79
N PRO B 10 -10.66 3.91 -11.64
CA PRO B 10 -10.55 5.37 -11.75
C PRO B 10 -10.59 6.11 -10.40
N LEU B 11 -11.08 5.44 -9.36
CA LEU B 11 -11.23 6.04 -8.02
C LEU B 11 -10.19 5.61 -6.98
N ILE B 12 -9.37 4.61 -7.29
CA ILE B 12 -8.43 4.04 -6.32
C ILE B 12 -7.03 3.83 -6.90
N ASN B 13 -6.03 4.44 -6.27
CA ASN B 13 -4.64 4.19 -6.66
C ASN B 13 -4.09 2.86 -6.15
N GLN B 14 -4.20 2.61 -4.85
CA GLN B 14 -3.61 1.39 -4.29
C GLN B 14 -4.56 0.57 -3.42
N LYS B 15 -4.33 -0.74 -3.44
CA LYS B 15 -4.90 -1.70 -2.53
C LYS B 15 -3.76 -2.20 -1.65
N PHE B 16 -4.00 -2.34 -0.34
CA PHE B 16 -3.01 -2.94 0.51
C PHE B 16 -3.57 -3.99 1.47
N GLN B 17 -2.96 -5.16 1.48
CA GLN B 17 -3.26 -6.15 2.52
C GLN B 17 -2.01 -6.88 2.93
N SER B 18 -2.08 -7.43 4.15
CA SER B 18 -0.99 -8.19 4.69
C SER B 18 -1.52 -9.35 5.53
N PRO B 19 -0.78 -10.47 5.57
CA PRO B 19 -1.18 -11.47 6.54
C PRO B 19 -0.88 -11.03 8.00
N LEU B 20 -0.49 -9.76 8.18
CA LEU B 20 -0.17 -9.22 9.52
C LEU B 20 -1.04 -8.01 9.94
N SER B 21 -2.08 -7.73 9.16
CA SER B 21 -3.19 -6.91 9.66
C SER B 21 -4.51 -7.56 9.27
N LYS B 22 -5.51 -7.32 10.08
CA LYS B 22 -6.85 -7.87 9.87
C LYS B 22 -7.53 -7.11 8.74
N GLU B 23 -7.27 -5.81 8.71
CA GLU B 23 -7.92 -4.87 7.80
C GLU B 23 -7.40 -4.91 6.37
N ILE B 24 -8.27 -4.62 5.42
CA ILE B 24 -7.91 -4.46 4.02
C ILE B 24 -8.05 -2.98 3.67
N PHE B 25 -7.06 -2.43 2.98
CA PHE B 25 -6.99 -0.99 2.78
C PHE B 25 -6.99 -0.61 1.31
N PHE B 26 -7.65 0.50 1.00
CA PHE B 26 -7.60 1.12 -0.32
C PHE B 26 -7.16 2.56 -0.17
N GLU B 27 -6.43 3.07 -1.14
CA GLU B 27 -5.89 4.41 -1.03
C GLU B 27 -6.10 5.19 -2.32
N SER B 28 -6.68 6.37 -2.20
CA SER B 28 -6.94 7.22 -3.35
C SER B 28 -6.40 8.60 -3.06
N TYR B 29 -6.01 9.33 -4.11
CA TYR B 29 -5.58 10.71 -3.93
C TYR B 29 -6.61 11.65 -4.57
N PHE B 30 -7.50 12.15 -3.72
CA PHE B 30 -8.60 12.99 -4.14
C PHE B 30 -8.13 14.42 -4.44
N SER B 31 -8.33 14.82 -5.70
CA SER B 31 -7.80 16.04 -6.25
C SER B 31 -8.63 16.39 -7.49
N THR B 32 -8.83 17.67 -7.74
CA THR B 32 -9.49 18.11 -8.97
C THR B 32 -8.64 17.74 -10.20
N GLU B 33 -7.32 17.80 -10.05
CA GLU B 33 -6.38 17.33 -11.06
C GLU B 33 -6.59 15.85 -11.43
N ASN B 34 -6.71 14.99 -10.42
CA ASN B 34 -6.90 13.56 -10.62
C ASN B 34 -8.34 13.20 -10.96
N LEU B 35 -9.29 13.92 -10.36
CA LEU B 35 -10.70 13.67 -10.56
C LEU B 35 -11.40 14.97 -10.96
N PRO B 36 -11.31 15.34 -12.25
CA PRO B 36 -11.85 16.58 -12.82
C PRO B 36 -13.28 16.90 -12.38
N PHE B 37 -14.13 15.88 -12.31
CA PHE B 37 -15.55 16.07 -12.01
C PHE B 37 -15.85 16.73 -10.63
N LEU B 38 -14.92 16.59 -9.69
CA LEU B 38 -15.08 17.21 -8.36
C LEU B 38 -15.11 18.74 -8.35
N ALA B 39 -14.62 19.36 -9.43
CA ALA B 39 -14.73 20.81 -9.61
C ALA B 39 -16.18 21.27 -9.83
N ASP B 40 -17.04 20.30 -10.15
CA ASP B 40 -18.46 20.57 -10.41
C ASP B 40 -19.38 20.40 -9.20
N HIS B 41 -18.81 20.20 -8.03
CA HIS B 41 -19.62 20.12 -6.82
C HIS B 41 -19.03 21.06 -5.78
N ILE B 42 -19.40 22.34 -5.88
CA ILE B 42 -18.85 23.35 -4.96
C ILE B 42 -19.88 23.99 -4.03
N VAL B 43 -19.44 24.19 -2.79
CA VAL B 43 -20.26 24.70 -1.68
C VAL B 43 -19.48 25.85 -1.07
N TYR B 44 -20.00 27.07 -1.22
CA TYR B 44 -19.33 28.30 -0.77
C TYR B 44 -17.92 28.48 -1.36
N GLU B 45 -17.82 28.42 -2.68
CA GLU B 45 -16.57 28.63 -3.44
C GLU B 45 -15.57 27.46 -3.35
N GLN B 46 -15.80 26.52 -2.44
CA GLN B 46 -14.87 25.42 -2.19
C GLN B 46 -15.37 24.05 -2.69
N VAL B 47 -14.42 23.22 -3.14
CA VAL B 47 -14.72 21.87 -3.60
C VAL B 47 -15.09 20.98 -2.41
N VAL B 48 -16.33 20.49 -2.42
CA VAL B 48 -16.83 19.63 -1.36
C VAL B 48 -17.25 18.31 -1.99
N VAL B 49 -16.68 17.22 -1.46
CA VAL B 49 -16.95 15.89 -1.98
C VAL B 49 -18.26 15.43 -1.35
N PRO B 50 -19.23 15.05 -2.18
CA PRO B 50 -20.52 14.62 -1.63
C PRO B 50 -20.45 13.21 -1.07
N GLY B 51 -21.34 12.89 -0.12
CA GLY B 51 -21.42 11.54 0.45
C GLY B 51 -21.57 10.47 -0.63
N ALA B 52 -22.33 10.81 -1.67
CA ALA B 52 -22.47 10.00 -2.88
C ALA B 52 -21.13 9.46 -3.38
N SER B 53 -20.14 10.35 -3.43
CA SER B 53 -18.81 9.96 -3.87
C SER B 53 -18.20 8.90 -2.97
N HIS B 54 -18.56 8.92 -1.69
CA HIS B 54 -18.09 7.89 -0.77
C HIS B 54 -18.65 6.51 -1.11
N ILE B 55 -19.93 6.47 -1.49
CA ILE B 55 -20.60 5.20 -1.84
C ILE B 55 -19.98 4.62 -3.12
N SER B 56 -19.75 5.47 -4.10
CA SER B 56 -19.05 5.08 -5.30
C SER B 56 -17.67 4.51 -4.99
N LEU B 57 -16.96 5.15 -4.05
CA LEU B 57 -15.65 4.67 -3.62
C LEU B 57 -15.73 3.28 -3.00
N LEU B 58 -16.78 3.06 -2.21
CA LEU B 58 -17.00 1.77 -1.58
C LEU B 58 -17.33 0.69 -2.62
N LEU B 59 -18.13 1.05 -3.62
CA LEU B 59 -18.47 0.11 -4.68
C LEU B 59 -17.25 -0.32 -5.45
N ALA B 60 -16.34 0.62 -5.64
CA ALA B 60 -15.07 0.35 -6.28
C ALA B 60 -14.22 -0.56 -5.39
N ALA B 61 -14.13 -0.24 -4.09
CA ALA B 61 -13.45 -1.13 -3.13
C ALA B 61 -13.99 -2.56 -3.23
N ALA B 62 -15.31 -2.70 -3.07
CA ALA B 62 -15.99 -3.97 -3.20
C ALA B 62 -15.60 -4.70 -4.48
N SER B 63 -15.70 -3.99 -5.60
CA SER B 63 -15.39 -4.52 -6.93
C SER B 63 -13.98 -5.10 -7.01
N LEU B 64 -13.08 -4.61 -6.15
CA LEU B 64 -11.71 -5.11 -6.07
C LEU B 64 -11.50 -6.10 -4.92
N THR B 65 -12.58 -6.57 -4.31
CA THR B 65 -12.48 -7.56 -3.23
C THR B 65 -13.36 -8.78 -3.46
N PHE B 66 -14.55 -8.58 -4.01
CA PHE B 66 -15.44 -9.70 -4.33
C PHE B 66 -15.43 -10.02 -5.83
N ALA B 67 -15.49 -11.32 -6.14
CA ALA B 67 -15.74 -11.78 -7.51
C ALA B 67 -17.17 -11.45 -7.94
N ALA B 68 -18.08 -11.44 -6.95
CA ALA B 68 -19.47 -11.06 -7.17
C ALA B 68 -19.62 -9.60 -7.66
N THR B 69 -20.53 -9.41 -8.60
CA THR B 69 -20.82 -8.08 -9.14
C THR B 69 -21.80 -7.33 -8.23
N GLU B 70 -22.84 -8.03 -7.76
CA GLU B 70 -23.88 -7.46 -6.88
C GLU B 70 -23.34 -7.12 -5.49
N CYS B 71 -23.79 -5.98 -4.95
CA CYS B 71 -23.14 -5.37 -3.79
C CYS B 71 -24.09 -4.53 -2.90
N GLN B 72 -23.90 -4.64 -1.58
CA GLN B 72 -24.81 -4.08 -0.59
C GLN B 72 -24.07 -3.31 0.53
N ILE B 73 -24.45 -2.05 0.74
CA ILE B 73 -23.82 -1.18 1.73
C ILE B 73 -24.87 -0.80 2.77
N GLU B 74 -24.58 -1.03 4.05
CA GLU B 74 -25.58 -0.85 5.10
C GLU B 74 -25.14 0.04 6.23
N ASP B 75 -26.11 0.60 6.94
CA ASP B 75 -25.89 1.42 8.14
C ASP B 75 -24.95 2.61 7.93
N ILE B 76 -25.06 3.22 6.75
CA ILE B 76 -24.20 4.33 6.34
C ILE B 76 -24.46 5.57 7.18
N LEU B 77 -23.38 6.15 7.68
CA LEU B 77 -23.40 7.36 8.48
C LEU B 77 -22.31 8.24 7.85
N PHE B 78 -22.44 9.56 7.91
CA PHE B 78 -21.47 10.45 7.28
C PHE B 78 -20.85 11.44 8.27
N PRO B 79 -20.08 10.97 9.27
CA PRO B 79 -19.63 11.85 10.36
C PRO B 79 -19.17 13.24 9.91
N GLN B 80 -18.16 13.33 9.04
CA GLN B 80 -17.62 14.64 8.63
C GLN B 80 -17.59 14.80 7.12
N ALA B 81 -17.67 16.04 6.66
CA ALA B 81 -17.58 16.34 5.23
C ALA B 81 -16.12 16.25 4.79
N LEU B 82 -15.91 16.06 3.49
CA LEU B 82 -14.59 16.12 2.90
C LEU B 82 -14.50 17.36 2.03
N ALA B 83 -13.51 18.20 2.34
CA ALA B 83 -13.24 19.41 1.58
C ALA B 83 -11.81 19.39 1.05
N ILE B 84 -11.69 19.59 -0.26
CA ILE B 84 -10.39 19.66 -0.94
C ILE B 84 -10.07 21.13 -1.19
N PRO B 85 -9.10 21.69 -0.44
CA PRO B 85 -8.70 23.10 -0.62
C PRO B 85 -8.22 23.43 -2.05
N GLU B 86 -8.32 24.70 -2.43
CA GLU B 86 -7.90 25.16 -3.75
C GLU B 86 -6.57 24.52 -4.20
N GLN B 87 -6.68 23.62 -5.17
CA GLN B 87 -5.53 22.86 -5.72
C GLN B 87 -4.87 21.93 -4.69
N GLY B 88 -5.56 21.70 -3.57
CA GLY B 88 -5.03 20.83 -2.53
C GLY B 88 -5.26 19.36 -2.86
N VAL B 89 -4.56 18.50 -2.11
CA VAL B 89 -4.72 17.06 -2.24
C VAL B 89 -5.00 16.49 -0.87
N ARG B 90 -6.06 15.70 -0.77
CA ARG B 90 -6.29 14.86 0.39
C ARG B 90 -6.21 13.40 0.01
N THR B 91 -5.61 12.61 0.90
CA THR B 91 -5.47 11.18 0.71
C THR B 91 -6.67 10.51 1.35
N VAL B 92 -7.41 9.74 0.56
CA VAL B 92 -8.61 9.06 1.04
C VAL B 92 -8.45 7.54 1.12
N GLN B 93 -8.72 6.99 2.30
CA GLN B 93 -8.56 5.56 2.55
C GLN B 93 -9.87 4.88 2.92
N VAL B 94 -10.12 3.73 2.32
CA VAL B 94 -11.16 2.82 2.78
C VAL B 94 -10.52 1.69 3.56
N VAL B 95 -11.01 1.48 4.78
CA VAL B 95 -10.48 0.49 5.68
C VAL B 95 -11.58 -0.53 5.93
N LEU B 96 -11.40 -1.75 5.42
CA LEU B 96 -12.36 -2.82 5.62
C LEU B 96 -11.92 -3.74 6.76
N THR B 97 -12.76 -3.87 7.77
CA THR B 97 -12.53 -4.81 8.84
C THR B 97 -13.49 -5.99 8.68
N PRO B 98 -12.95 -7.23 8.58
CA PRO B 98 -13.82 -8.41 8.45
C PRO B 98 -14.65 -8.66 9.71
N GLN B 99 -15.96 -8.82 9.50
CA GLN B 99 -16.87 -9.26 10.55
C GLN B 99 -17.46 -10.62 10.13
N ASN B 100 -18.31 -11.18 10.99
CA ASN B 100 -19.05 -12.39 10.62
C ASN B 100 -19.94 -12.05 9.43
N ASN B 101 -19.83 -12.83 8.36
CA ASN B 101 -20.76 -12.73 7.21
C ASN B 101 -20.60 -11.45 6.34
N SER B 102 -19.88 -10.44 6.84
CA SER B 102 -19.78 -9.14 6.17
C SER B 102 -18.50 -8.35 6.49
N PHE B 103 -18.33 -7.21 5.84
CA PHE B 103 -17.18 -6.34 6.09
C PHE B 103 -17.62 -5.00 6.68
N SER B 104 -17.04 -4.64 7.83
CA SER B 104 -17.23 -3.33 8.43
C SER B 104 -16.28 -2.34 7.74
N PHE B 105 -16.64 -1.06 7.68
CA PHE B 105 -15.76 -0.08 7.00
C PHE B 105 -15.67 1.34 7.59
N GLN B 106 -14.57 2.01 7.27
CA GLN B 106 -14.44 3.44 7.45
C GLN B 106 -13.83 4.07 6.21
N VAL B 107 -14.36 5.22 5.82
CA VAL B 107 -13.72 6.03 4.80
C VAL B 107 -13.11 7.19 5.55
N ILE B 108 -11.80 7.39 5.38
CA ILE B 108 -11.10 8.44 6.11
C ILE B 108 -10.28 9.27 5.13
N SER B 109 -9.84 10.45 5.55
CA SER B 109 -8.92 11.24 4.74
C SER B 109 -7.96 12.04 5.60
N PHE B 110 -6.86 12.47 4.99
CA PHE B 110 -5.85 13.29 5.67
C PHE B 110 -4.90 13.97 4.67
N ASP B 111 -4.14 14.94 5.18
CA ASP B 111 -3.16 15.67 4.38
C ASP B 111 -1.74 15.31 4.83
N SER B 129 -1.08 14.14 14.08
CA SER B 129 -1.64 13.21 13.12
C SER B 129 -3.17 13.19 13.23
N ASP B 130 -3.83 14.13 12.55
CA ASP B 130 -5.28 14.14 12.52
C ASP B 130 -5.86 13.62 11.20
N TRP B 131 -7.14 13.27 11.26
CA TRP B 131 -7.83 12.74 10.12
C TRP B 131 -9.32 12.85 10.37
N ALA B 132 -10.08 12.77 9.29
CA ALA B 132 -11.53 12.87 9.38
C ALA B 132 -12.17 11.57 8.88
N VAL B 133 -13.36 11.29 9.40
CA VAL B 133 -14.10 10.10 9.08
C VAL B 133 -15.28 10.52 8.21
N HIS B 134 -15.30 10.10 6.96
CA HIS B 134 -16.33 10.58 6.04
C HIS B 134 -17.53 9.65 5.87
N ALA B 135 -17.33 8.36 6.16
CA ALA B 135 -18.40 7.36 6.08
C ALA B 135 -18.09 6.14 6.93
N THR B 136 -19.12 5.59 7.57
CA THR B 136 -19.00 4.34 8.32
C THR B 136 -20.14 3.42 7.88
N GLY B 137 -20.04 2.14 8.21
CA GLY B 137 -21.10 1.19 7.93
C GLY B 137 -20.52 -0.16 7.59
N LYS B 138 -21.34 -1.08 7.12
CA LYS B 138 -20.83 -2.37 6.70
C LYS B 138 -21.00 -2.56 5.20
N LEU B 139 -20.06 -3.30 4.62
CA LEU B 139 -20.18 -3.79 3.27
C LEU B 139 -20.67 -5.22 3.40
N SER B 140 -21.27 -5.74 2.32
CA SER B 140 -21.88 -7.06 2.33
C SER B 140 -22.22 -7.44 0.90
N VAL B 141 -22.16 -8.74 0.61
CA VAL B 141 -22.57 -9.26 -0.69
C VAL B 141 -24.10 -9.27 -0.78
N ALA B 142 -24.65 -8.56 -1.76
CA ALA B 142 -26.09 -8.39 -1.92
C ALA B 142 -26.81 -9.72 -2.38
N GLN B 146 -33.59 -8.54 -8.49
CA GLN B 146 -34.13 -9.65 -9.27
C GLN B 146 -35.62 -9.44 -9.55
N SER B 147 -35.92 -8.37 -10.29
CA SER B 147 -37.29 -7.97 -10.62
C SER B 147 -37.25 -6.69 -11.47
N LEU B 148 -38.36 -6.39 -12.16
CA LEU B 148 -38.40 -5.28 -13.11
C LEU B 148 -39.38 -4.15 -12.71
N ILE B 149 -38.91 -2.92 -12.84
CA ILE B 149 -39.69 -1.72 -12.50
C ILE B 149 -40.57 -1.32 -13.69
N PRO B 150 -41.89 -1.20 -13.49
CA PRO B 150 -42.79 -0.85 -14.61
C PRO B 150 -42.90 0.66 -14.84
N LEU B 151 -42.19 1.17 -15.84
CA LEU B 151 -42.10 2.62 -16.09
C LEU B 151 -43.46 3.24 -16.41
N GLU B 152 -44.27 2.52 -17.16
CA GLU B 152 -45.63 2.94 -17.53
C GLU B 152 -46.54 3.16 -16.32
N GLU B 153 -46.45 2.28 -15.33
CA GLU B 153 -47.26 2.39 -14.10
C GLU B 153 -46.91 3.62 -13.27
N ILE B 154 -45.62 3.90 -13.12
CA ILE B 154 -45.20 5.06 -12.34
C ILE B 154 -45.46 6.39 -13.07
N GLN B 155 -45.23 6.43 -14.38
CA GLN B 155 -45.60 7.58 -15.22
C GLN B 155 -47.06 8.02 -15.05
N ALA B 156 -47.97 7.07 -14.82
CA ALA B 156 -49.39 7.39 -14.63
C ALA B 156 -49.66 8.20 -13.35
N ARG B 157 -48.80 8.01 -12.33
CA ARG B 157 -48.96 8.71 -11.04
C ARG B 157 -47.95 9.85 -10.81
N CYS B 158 -46.92 9.93 -11.65
CA CYS B 158 -46.03 11.09 -11.70
C CYS B 158 -46.22 11.77 -13.05
N SER B 159 -47.30 12.54 -13.17
CA SER B 159 -47.67 13.10 -14.46
C SER B 159 -47.42 14.61 -14.56
N GLN B 160 -47.18 15.27 -13.42
CA GLN B 160 -46.91 16.70 -13.41
C GLN B 160 -45.48 16.96 -13.84
N LYS B 161 -45.32 17.40 -15.09
CA LYS B 161 -44.03 17.73 -15.68
C LYS B 161 -43.43 18.95 -15.00
N ILE B 162 -42.17 18.85 -14.59
CA ILE B 162 -41.49 19.93 -13.89
C ILE B 162 -40.13 20.21 -14.53
N ASP B 163 -39.84 21.49 -14.74
CA ASP B 163 -38.54 21.93 -15.22
C ASP B 163 -37.41 21.45 -14.31
N SER B 164 -36.51 20.64 -14.85
CA SER B 164 -35.39 20.09 -14.09
C SER B 164 -34.42 21.17 -13.63
N ALA B 165 -34.53 22.35 -14.24
CA ALA B 165 -33.72 23.50 -13.86
C ALA B 165 -34.07 24.00 -12.45
N GLU B 166 -35.32 23.76 -12.04
CA GLU B 166 -35.77 24.12 -10.70
C GLU B 166 -35.06 23.35 -9.58
N ILE B 167 -34.69 22.09 -9.85
CA ILE B 167 -33.91 21.32 -8.88
C ILE B 167 -32.54 21.97 -8.68
N TYR B 168 -31.85 22.20 -9.79
CA TYR B 168 -30.55 22.85 -9.79
C TYR B 168 -30.58 24.29 -9.24
N GLN B 169 -31.64 25.02 -9.56
CA GLN B 169 -31.85 26.37 -9.05
C GLN B 169 -32.05 26.38 -7.52
N HIS B 170 -32.82 25.42 -7.03
CA HIS B 170 -33.03 25.25 -5.60
C HIS B 170 -31.67 25.15 -4.90
N LEU B 171 -30.82 24.27 -5.39
CA LEU B 171 -29.52 24.01 -4.77
C LEU B 171 -28.56 25.17 -4.95
N TRP B 172 -28.52 25.71 -6.18
CA TRP B 172 -27.69 26.87 -6.47
C TRP B 172 -27.96 27.99 -5.46
N ASP B 173 -29.24 28.16 -5.11
CA ASP B 173 -29.66 29.11 -4.09
C ASP B 173 -29.18 28.73 -2.67
N ARG B 174 -28.97 27.43 -2.43
CA ARG B 174 -28.46 26.96 -1.13
C ARG B 174 -26.93 26.90 -1.13
N GLN B 175 -26.33 27.53 -2.15
CA GLN B 175 -24.87 27.55 -2.32
C GLN B 175 -24.30 26.24 -2.85
N ILE B 176 -25.18 25.32 -3.21
CA ILE B 176 -24.75 24.05 -3.77
C ILE B 176 -24.70 24.18 -5.30
N HIS B 177 -23.53 24.57 -5.78
CA HIS B 177 -23.30 24.91 -7.17
C HIS B 177 -22.82 23.68 -7.91
N LEU B 178 -23.73 23.07 -8.66
CA LEU B 178 -23.41 21.91 -9.48
C LEU B 178 -23.04 22.34 -10.90
N GLY B 179 -21.87 21.93 -11.36
CA GLY B 179 -21.48 22.09 -12.75
C GLY B 179 -22.14 21.02 -13.58
N GLN B 180 -21.81 20.99 -14.88
CA GLN B 180 -22.54 20.15 -15.83
C GLN B 180 -22.39 18.64 -15.62
N SER B 181 -21.24 18.21 -15.12
CA SER B 181 -21.01 16.77 -14.90
C SER B 181 -21.87 16.20 -13.77
N PHE B 182 -22.34 17.07 -12.86
CA PHE B 182 -23.27 16.69 -11.81
C PHE B 182 -24.75 16.88 -12.18
N ARG B 183 -24.99 17.33 -13.40
CA ARG B 183 -26.35 17.61 -13.88
C ARG B 183 -26.86 16.49 -14.81
N TRP B 184 -27.13 15.32 -14.25
CA TRP B 184 -27.64 14.17 -15.01
C TRP B 184 -29.15 14.26 -15.24
N ILE B 185 -29.87 14.78 -14.24
CA ILE B 185 -31.32 14.90 -14.30
C ILE B 185 -31.72 15.76 -15.49
N GLU B 186 -32.49 15.15 -16.39
CA GLU B 186 -32.79 15.73 -17.69
C GLU B 186 -34.25 16.18 -17.76
N GLN B 187 -35.14 15.39 -17.19
CA GLN B 187 -36.56 15.69 -17.13
C GLN B 187 -37.11 15.22 -15.79
N VAL B 188 -38.15 15.90 -15.30
CA VAL B 188 -38.75 15.56 -14.01
C VAL B 188 -40.26 15.49 -14.08
N TRP B 189 -40.82 14.39 -13.56
CA TRP B 189 -42.27 14.29 -13.36
C TRP B 189 -42.61 14.11 -11.88
N LEU B 190 -43.36 15.07 -11.36
CA LEU B 190 -43.78 15.12 -9.96
C LEU B 190 -45.11 14.42 -9.72
N GLY B 191 -45.22 13.73 -8.58
CA GLY B 191 -46.49 13.16 -8.13
C GLY B 191 -46.83 13.59 -6.71
N GLU B 192 -47.57 12.75 -5.99
CA GLU B 192 -47.91 13.02 -4.60
C GLU B 192 -46.97 12.29 -3.65
N GLY B 193 -45.90 12.97 -3.22
CA GLY B 193 -44.92 12.38 -2.33
C GLY B 193 -44.01 11.40 -3.04
N GLU B 194 -43.98 11.50 -4.38
CA GLU B 194 -43.13 10.66 -5.22
C GLU B 194 -42.69 11.41 -6.49
N VAL B 195 -41.54 11.04 -7.05
CA VAL B 195 -40.99 11.72 -8.24
C VAL B 195 -40.34 10.75 -9.23
N LEU B 196 -40.48 11.07 -10.52
CA LEU B 196 -39.78 10.36 -11.59
C LEU B 196 -38.88 11.29 -12.42
N CYS B 197 -37.62 10.89 -12.58
CA CYS B 197 -36.65 11.65 -13.36
C CYS B 197 -36.01 10.80 -14.43
N GLN B 198 -35.84 11.37 -15.62
CA GLN B 198 -34.95 10.77 -16.61
C GLN B 198 -33.57 11.41 -16.49
N MET B 199 -32.54 10.57 -16.54
CA MET B 199 -31.16 11.03 -16.45
C MET B 199 -30.34 10.57 -17.62
N LYS B 200 -29.47 11.46 -18.10
CA LYS B 200 -28.58 11.18 -19.21
C LYS B 200 -27.16 11.51 -18.80
N VAL B 201 -26.23 10.63 -19.16
CA VAL B 201 -24.82 10.87 -18.90
C VAL B 201 -24.39 12.18 -19.58
N PRO B 202 -23.86 13.12 -18.77
CA PRO B 202 -23.36 14.40 -19.28
C PRO B 202 -22.15 14.20 -20.20
N LYS B 203 -22.04 15.08 -21.19
CA LYS B 203 -20.97 15.03 -22.19
C LYS B 203 -19.58 15.14 -21.57
N THR B 204 -19.47 15.86 -20.46
CA THR B 204 -18.20 16.07 -19.76
C THR B 204 -17.58 14.79 -19.23
N ILE B 205 -18.42 13.81 -18.89
CA ILE B 205 -17.94 12.51 -18.44
C ILE B 205 -17.97 11.53 -19.60
N LEU B 206 -16.83 10.92 -19.87
CA LEU B 206 -16.70 10.02 -21.02
C LEU B 206 -16.73 8.55 -20.62
N ASN B 207 -15.89 8.18 -19.66
CA ASN B 207 -15.67 6.76 -19.33
C ASN B 207 -16.40 6.27 -18.08
N THR B 208 -17.71 6.11 -18.21
CA THR B 208 -18.55 5.61 -17.13
C THR B 208 -18.51 4.08 -16.99
N THR B 209 -18.03 3.41 -18.03
CA THR B 209 -17.98 1.94 -18.04
C THR B 209 -16.91 1.39 -17.11
N LYS B 210 -15.91 2.21 -16.79
CA LYS B 210 -14.85 1.84 -15.87
C LYS B 210 -15.32 1.90 -14.41
N TYR B 211 -16.48 2.53 -14.22
CA TYR B 211 -17.12 2.64 -12.90
C TYR B 211 -18.22 1.59 -12.74
N GLN B 212 -18.53 1.26 -11.49
CA GLN B 212 -19.76 0.55 -11.17
C GLN B 212 -20.88 1.57 -11.32
N LEU B 213 -20.73 2.66 -10.59
CA LEU B 213 -21.73 3.72 -10.54
C LEU B 213 -20.95 5.02 -10.33
N HIS B 214 -20.97 5.90 -11.33
CA HIS B 214 -20.21 7.14 -11.23
C HIS B 214 -20.72 7.96 -10.03
N PRO B 215 -19.80 8.57 -9.26
CA PRO B 215 -20.18 9.39 -8.11
C PRO B 215 -21.28 10.40 -8.46
N THR B 216 -21.16 11.02 -9.63
CA THR B 216 -22.13 12.03 -10.06
C THR B 216 -23.52 11.43 -10.26
N LEU B 217 -23.58 10.18 -10.68
CA LEU B 217 -24.87 9.53 -10.86
C LEU B 217 -25.51 9.26 -9.50
N VAL B 218 -24.72 8.70 -8.58
CA VAL B 218 -25.18 8.46 -7.20
C VAL B 218 -25.70 9.75 -6.59
N ASP B 219 -24.98 10.85 -6.80
CA ASP B 219 -25.38 12.15 -6.29
C ASP B 219 -26.70 12.64 -6.92
N SER B 220 -26.82 12.48 -8.23
CA SER B 220 -28.05 12.79 -8.98
C SER B 220 -29.28 12.12 -8.37
N CYS B 221 -29.14 10.84 -8.00
CA CYS B 221 -30.19 10.12 -7.29
C CYS B 221 -30.61 10.83 -6.01
N PHE B 222 -29.64 11.36 -5.26
CA PHE B 222 -29.94 12.11 -4.05
C PHE B 222 -30.58 13.47 -4.36
N GLN B 223 -30.18 14.06 -5.48
CA GLN B 223 -30.75 15.34 -5.90
C GLN B 223 -32.25 15.20 -6.16
N SER B 224 -32.68 13.96 -6.44
CA SER B 224 -34.09 13.70 -6.79
C SER B 224 -35.06 14.04 -5.67
N ILE B 225 -34.60 13.97 -4.42
CA ILE B 225 -35.47 14.29 -3.28
C ILE B 225 -35.80 15.79 -3.17
N ILE B 226 -34.97 16.62 -3.81
CA ILE B 226 -35.20 18.07 -3.84
C ILE B 226 -36.51 18.45 -4.54
N ALA B 227 -36.88 17.67 -5.56
CA ALA B 227 -38.15 17.87 -6.27
C ALA B 227 -39.33 17.72 -5.31
N LEU B 228 -39.11 17.03 -4.21
CA LEU B 228 -40.14 16.78 -3.21
C LEU B 228 -40.25 17.83 -2.10
N VAL B 229 -39.29 18.76 -2.05
CA VAL B 229 -39.26 19.77 -0.98
C VAL B 229 -39.10 21.19 -1.52
N LEU B 230 -39.50 21.39 -2.77
CA LEU B 230 -39.41 22.69 -3.43
C LEU B 230 -40.27 23.78 -2.77
N ASP B 231 -41.24 23.38 -1.96
CA ASP B 231 -42.16 24.31 -1.28
C ASP B 231 -41.44 25.44 -0.52
N GLN B 232 -41.91 26.67 -0.77
CA GLN B 232 -41.31 27.91 -0.24
C GLN B 232 -39.90 28.18 -0.81
N ASN B 235 -37.13 30.07 3.91
CA ASN B 235 -35.70 30.02 4.19
C ASN B 235 -34.90 29.42 3.03
N LYS B 236 -34.26 30.28 2.25
CA LYS B 236 -33.44 29.88 1.11
C LYS B 236 -31.99 29.52 1.48
N ASN B 237 -31.69 29.48 2.78
CA ASN B 237 -30.34 29.24 3.25
C ASN B 237 -30.07 27.77 3.59
N GLU B 238 -30.96 27.16 4.37
CA GLU B 238 -30.82 25.76 4.81
C GLU B 238 -31.36 24.75 3.80
N THR B 239 -30.73 23.57 3.79
CA THR B 239 -31.06 22.53 2.83
C THR B 239 -30.81 21.12 3.43
N PHE B 240 -31.24 20.09 2.72
CA PHE B 240 -31.21 18.72 3.21
C PHE B 240 -29.91 17.97 2.87
N VAL B 241 -28.99 17.89 3.82
CA VAL B 241 -27.75 17.14 3.62
C VAL B 241 -27.90 15.69 4.09
N PRO B 242 -27.40 14.74 3.29
CA PRO B 242 -27.45 13.30 3.61
C PRO B 242 -26.89 13.01 4.99
N PHE B 243 -27.67 12.33 5.82
CA PHE B 243 -27.25 12.01 7.18
C PHE B 243 -26.99 10.51 7.35
N SER B 244 -27.94 9.67 6.92
CA SER B 244 -27.78 8.23 6.99
C SER B 244 -28.45 7.52 5.81
N ILE B 245 -28.05 6.29 5.58
CA ILE B 245 -28.68 5.40 4.61
C ILE B 245 -28.67 3.98 5.17
N ASP B 246 -29.85 3.38 5.25
CA ASP B 246 -29.99 2.06 5.86
C ASP B 246 -29.43 0.95 4.99
N LYS B 247 -29.65 1.05 3.68
CA LYS B 247 -29.23 0.00 2.75
C LYS B 247 -29.10 0.56 1.35
N PHE B 248 -27.90 0.41 0.79
CA PHE B 248 -27.63 0.80 -0.58
C PHE B 248 -27.19 -0.43 -1.39
N THR B 249 -27.99 -0.79 -2.38
CA THR B 249 -27.67 -1.94 -3.21
C THR B 249 -27.41 -1.55 -4.66
N PHE B 250 -26.19 -1.82 -5.11
CA PHE B 250 -25.83 -1.78 -6.51
C PHE B 250 -26.02 -3.18 -7.11
N TYR B 251 -26.61 -3.24 -8.31
CA TYR B 251 -26.83 -4.51 -9.02
C TYR B 251 -25.89 -4.72 -10.20
N ASN B 252 -25.99 -3.87 -11.22
CA ASN B 252 -25.01 -3.81 -12.32
C ASN B 252 -25.00 -2.43 -12.96
N SER B 253 -23.84 -2.08 -13.53
CA SER B 253 -23.65 -0.79 -14.18
C SER B 253 -24.19 -0.85 -15.60
N SER B 254 -25.12 0.05 -15.90
CA SER B 254 -25.74 0.08 -17.22
C SER B 254 -24.80 0.65 -18.29
N ASP B 255 -24.84 0.05 -19.48
CA ASP B 255 -24.10 0.56 -20.62
C ASP B 255 -24.81 1.76 -21.25
N ASN B 256 -26.07 1.96 -20.85
CA ASN B 256 -26.91 3.01 -21.43
C ASN B 256 -26.63 4.44 -20.99
N ASP B 257 -26.87 5.36 -21.92
CA ASP B 257 -26.76 6.79 -21.68
C ASP B 257 -28.03 7.33 -21.01
N LEU B 258 -29.04 6.46 -20.87
CA LEU B 258 -30.35 6.85 -20.34
C LEU B 258 -30.79 5.99 -19.13
N LEU B 259 -31.07 6.66 -18.01
CA LEU B 259 -31.52 5.96 -16.80
C LEU B 259 -32.78 6.60 -16.21
N TRP B 260 -33.48 5.84 -15.38
CA TRP B 260 -34.68 6.33 -14.72
C TRP B 260 -34.60 6.23 -13.20
N CYS B 261 -34.88 7.35 -12.54
CA CYS B 261 -34.83 7.43 -11.11
C CYS B 261 -36.25 7.54 -10.56
N TYR B 262 -36.58 6.68 -9.59
CA TYR B 262 -37.89 6.79 -8.95
C TYR B 262 -37.74 6.99 -7.47
N THR B 263 -38.34 8.06 -6.96
CA THR B 263 -38.12 8.43 -5.57
C THR B 263 -39.41 8.68 -4.78
N CYS B 264 -39.56 7.94 -3.69
CA CYS B 264 -40.66 8.09 -2.74
C CYS B 264 -40.12 8.49 -1.39
N GLY B 265 -40.70 9.54 -0.80
CA GLY B 265 -40.26 9.99 0.51
C GLY B 265 -41.08 11.11 1.09
N SER B 266 -40.96 11.30 2.40
CA SER B 266 -41.65 12.40 3.08
C SER B 266 -40.78 13.04 4.17
N LYS B 267 -41.03 14.33 4.41
CA LYS B 267 -40.57 15.05 5.58
C LYS B 267 -41.30 14.44 6.77
N ASP B 268 -40.62 14.31 7.91
CA ASP B 268 -41.28 13.86 9.13
C ASP B 268 -42.29 14.92 9.60
N LYS B 269 -43.32 14.49 10.35
CA LYS B 269 -44.38 15.41 10.76
C LYS B 269 -44.00 16.27 11.97
N GLN B 270 -43.22 15.69 12.88
CA GLN B 270 -42.89 16.33 14.17
C GLN B 270 -42.07 17.60 14.04
N SER B 271 -40.86 17.49 13.49
CA SER B 271 -39.96 18.63 13.35
C SER B 271 -39.96 19.22 11.94
N GLY B 272 -40.13 18.35 10.94
CA GLY B 272 -40.08 18.72 9.53
C GLY B 272 -38.65 18.95 9.06
N GLU B 273 -37.70 18.36 9.77
CA GLU B 273 -36.28 18.61 9.52
C GLU B 273 -35.53 17.39 8.97
N LYS B 274 -36.18 16.23 9.01
CA LYS B 274 -35.62 15.03 8.41
C LYS B 274 -36.49 14.46 7.30
N PHE B 275 -35.90 14.26 6.14
CA PHE B 275 -36.58 13.68 5.00
C PHE B 275 -36.13 12.24 4.83
N LYS B 276 -37.06 11.31 4.97
CA LYS B 276 -36.85 9.89 4.70
C LYS B 276 -37.25 9.57 3.25
N ALA B 277 -36.47 8.73 2.56
CA ALA B 277 -36.76 8.36 1.17
C ALA B 277 -36.32 6.96 0.72
N ASP B 278 -37.05 6.39 -0.25
CA ASP B 278 -36.61 5.24 -1.01
C ASP B 278 -36.34 5.67 -2.45
N ILE B 279 -35.22 5.25 -3.01
CA ILE B 279 -34.85 5.60 -4.37
C ILE B 279 -34.60 4.33 -5.20
N GLN B 280 -35.12 4.33 -6.42
CA GLN B 280 -34.86 3.24 -7.35
C GLN B 280 -34.34 3.78 -8.67
N LEU B 281 -33.17 3.29 -9.05
CA LEU B 281 -32.51 3.67 -10.29
C LEU B 281 -32.51 2.48 -11.22
N PHE B 282 -33.11 2.66 -12.40
CA PHE B 282 -33.33 1.52 -13.29
C PHE B 282 -33.14 1.84 -14.77
N ASP B 283 -33.39 0.81 -15.58
CA ASP B 283 -33.05 0.77 -16.99
C ASP B 283 -34.23 1.10 -17.91
N GLN B 284 -33.92 1.35 -19.18
CA GLN B 284 -34.89 1.35 -20.26
C GLN B 284 -35.72 0.08 -20.23
N HIS B 285 -35.07 -1.02 -19.85
CA HIS B 285 -35.68 -2.35 -19.85
C HIS B 285 -36.33 -2.67 -18.50
N GLY B 286 -36.40 -1.67 -17.61
CA GLY B 286 -36.95 -1.87 -16.27
C GLY B 286 -36.00 -2.61 -15.33
N GLN B 287 -34.80 -2.92 -15.80
CA GLN B 287 -33.80 -3.65 -15.03
C GLN B 287 -33.21 -2.72 -13.97
N LEU B 288 -33.35 -3.13 -12.71
CA LEU B 288 -32.84 -2.39 -11.57
C LEU B 288 -31.31 -2.27 -11.63
N VAL B 289 -30.81 -1.04 -11.55
CA VAL B 289 -29.38 -0.75 -11.55
C VAL B 289 -28.87 -0.57 -10.12
N ALA B 290 -29.58 0.26 -9.35
CA ALA B 290 -29.24 0.50 -7.94
C ALA B 290 -30.50 0.86 -7.17
N GLN B 291 -30.49 0.62 -5.87
CA GLN B 291 -31.62 1.06 -5.03
C GLN B 291 -31.25 1.44 -3.61
N VAL B 292 -31.95 2.45 -3.11
CA VAL B 292 -31.67 3.08 -1.83
C VAL B 292 -32.88 2.93 -0.93
N ILE B 293 -32.72 2.16 0.14
CA ILE B 293 -33.77 1.97 1.13
C ILE B 293 -33.39 2.72 2.39
N GLY B 294 -34.28 3.59 2.85
CA GLY B 294 -34.09 4.30 4.11
C GLY B 294 -33.10 5.44 4.07
N PHE B 295 -33.12 6.21 2.98
CA PHE B 295 -32.30 7.42 2.89
C PHE B 295 -32.85 8.50 3.81
N GLU B 296 -31.96 9.09 4.61
CA GLU B 296 -32.35 10.19 5.49
C GLU B 296 -31.45 11.41 5.29
N GLY B 297 -32.08 12.52 4.93
CA GLY B 297 -31.40 13.81 4.87
C GLY B 297 -31.83 14.66 6.05
N ARG B 298 -30.96 15.56 6.50
CA ARG B 298 -31.33 16.49 7.57
C ARG B 298 -31.03 17.93 7.22
N LYS B 299 -31.92 18.82 7.65
CA LYS B 299 -31.81 20.26 7.39
C LYS B 299 -30.63 20.85 8.11
N ALA B 300 -29.66 21.32 7.32
CA ALA B 300 -28.42 21.84 7.86
C ALA B 300 -27.92 23.00 7.02
N ASN B 301 -27.16 23.88 7.66
CA ASN B 301 -26.51 24.99 6.98
C ASN B 301 -25.21 24.49 6.34
N PRO B 302 -25.15 24.49 4.99
CA PRO B 302 -23.99 24.07 4.21
C PRO B 302 -22.64 24.61 4.69
N LYS B 303 -22.66 25.69 5.46
CA LYS B 303 -21.44 26.33 5.95
C LYS B 303 -20.57 25.41 6.82
N ILE B 304 -21.19 24.56 7.61
CA ILE B 304 -20.46 23.63 8.49
C ILE B 304 -19.57 22.65 7.74
N LEU B 305 -20.06 22.20 6.57
CA LEU B 305 -19.37 21.20 5.75
C LEU B 305 -18.08 21.72 5.13
#